data_8HX3
#
_entry.id   8HX3
#
_cell.length_a   51.020
_cell.length_b   233.987
_cell.length_c   111.904
_cell.angle_alpha   90.000
_cell.angle_beta   90.000
_cell.angle_gamma   90.000
#
_symmetry.space_group_name_H-M   'C 2 2 21'
#
loop_
_entity.id
_entity.type
_entity.pdbx_description
1 polymer 'Secreted coleopteran active protein'
2 non-polymer GLYCEROL
3 water water
#
_entity_poly.entity_id   1
_entity_poly.type   'polypeptide(L)'
_entity_poly.pdbx_seq_one_letter_code
;PYAESYIDTVQDRMKQRDRESKLTGKPINMQEQIIDGWFLARFWIFKDQNNNHQTNRFISWFKDNLASSKGYDSIAEQMG
LKIEALNDMDVTNIDYTSKTGDTIYNGISELTNYTGTTQKMKTDSFQRDYTKSESTSVTNGLQLGFKVAAKGVVALAGAD
FETSVTYNLSSTTTETNTISDKFTVPSQEVTLSPGHKAVVKHDLRKMVYFGTQDLKGDLKVSFNDKEIVQKFIYPNYRSI
DLSDIRKTMIEIDKWNHVNTIDFYQLVGVKNHIKNGDTLYIDTPAEFTFNGANPYYRATFTEYDENGNPVQTKILSG
;
_entity_poly.pdbx_strand_id   A,B
#
loop_
_chem_comp.id
_chem_comp.type
_chem_comp.name
_chem_comp.formula
GOL non-polymer GLYCEROL 'C3 H8 O3'
#
# COMPACT_ATOMS: atom_id res chain seq x y z
N PRO A 1 -25.93 31.62 -34.05
CA PRO A 1 -24.68 32.35 -33.75
C PRO A 1 -23.94 32.78 -35.01
N TYR A 2 -24.20 32.09 -36.12
CA TYR A 2 -23.59 32.39 -37.42
C TYR A 2 -22.08 32.55 -37.31
N ALA A 3 -21.45 31.56 -36.68
CA ALA A 3 -20.01 31.50 -36.56
C ALA A 3 -19.58 30.06 -36.69
N GLU A 4 -18.31 29.78 -36.40
CA GLU A 4 -17.81 28.42 -36.43
C GLU A 4 -18.34 27.64 -35.24
N SER A 5 -18.85 26.44 -35.52
CA SER A 5 -19.33 25.56 -34.45
C SER A 5 -18.15 25.08 -33.62
N TYR A 6 -18.20 25.30 -32.31
CA TYR A 6 -17.21 24.69 -31.43
C TYR A 6 -17.31 23.18 -31.45
N ILE A 7 -18.50 22.66 -31.77
CA ILE A 7 -18.68 21.22 -31.90
C ILE A 7 -17.79 20.66 -33.01
N ASP A 8 -17.80 21.34 -34.16
CA ASP A 8 -16.92 20.93 -35.25
C ASP A 8 -15.45 21.10 -34.88
N THR A 9 -15.13 22.15 -34.12
CA THR A 9 -13.76 22.35 -33.69
C THR A 9 -13.27 21.20 -32.82
N VAL A 10 -14.11 20.73 -31.90
CA VAL A 10 -13.71 19.61 -31.05
C VAL A 10 -13.58 18.33 -31.86
N GLN A 11 -14.53 18.08 -32.75
CA GLN A 11 -14.46 16.90 -33.61
C GLN A 11 -13.16 16.86 -34.40
N ASP A 12 -12.80 18.00 -35.00
CA ASP A 12 -11.55 18.07 -35.75
C ASP A 12 -10.34 17.98 -34.82
N ARG A 13 -10.45 18.55 -33.61
CA ARG A 13 -9.34 18.52 -32.67
C ARG A 13 -9.01 17.08 -32.26
N MET A 14 -10.04 16.27 -31.99
CA MET A 14 -9.80 14.87 -31.67
C MET A 14 -9.14 14.13 -32.84
N LYS A 15 -9.53 14.47 -34.07
CA LYS A 15 -8.87 13.89 -35.23
C LYS A 15 -7.41 14.30 -35.30
N GLN A 16 -7.15 15.60 -35.14
CA GLN A 16 -5.77 16.10 -35.22
C GLN A 16 -4.93 15.57 -34.06
N ARG A 17 -5.53 15.37 -32.90
CA ARG A 17 -4.78 14.84 -31.75
C ARG A 17 -4.34 13.40 -32.00
N ASP A 18 -5.25 12.58 -32.53
CA ASP A 18 -4.93 11.17 -32.77
C ASP A 18 -3.94 11.02 -33.91
N ARG A 19 -4.03 11.88 -34.94
CA ARG A 19 -3.09 11.81 -36.05
C ARG A 19 -1.68 12.13 -35.61
N GLU A 20 -1.51 13.17 -34.79
CA GLU A 20 -0.18 13.53 -34.31
C GLU A 20 0.45 12.39 -33.53
N SER A 21 -0.34 11.71 -32.69
CA SER A 21 0.20 10.59 -31.92
C SER A 21 0.64 9.46 -32.84
N LYS A 22 -0.09 9.24 -33.93
CA LYS A 22 0.20 8.12 -34.82
C LYS A 22 1.25 8.48 -35.87
N LEU A 23 1.45 9.76 -36.16
CA LEU A 23 2.47 10.17 -37.13
C LEU A 23 3.80 10.51 -36.47
N THR A 24 3.82 10.77 -35.17
CA THR A 24 5.05 11.00 -34.44
C THR A 24 5.48 9.81 -33.58
N GLY A 25 4.58 8.87 -33.33
CA GLY A 25 4.83 7.80 -32.39
C GLY A 25 4.68 8.20 -30.94
N LYS A 26 4.64 9.49 -30.63
CA LYS A 26 4.44 9.94 -29.27
C LYS A 26 3.03 9.60 -28.80
N PRO A 27 2.83 9.45 -27.49
CA PRO A 27 1.50 9.09 -26.99
C PRO A 27 0.52 10.24 -27.12
N ILE A 28 -0.76 9.87 -27.25
CA ILE A 28 -1.83 10.84 -27.20
C ILE A 28 -2.08 11.24 -25.75
N ASN A 29 -2.69 12.41 -25.57
CA ASN A 29 -3.18 12.82 -24.26
C ASN A 29 -4.54 12.16 -24.06
N MET A 30 -4.54 11.01 -23.37
CA MET A 30 -5.77 10.25 -23.20
C MET A 30 -6.83 11.06 -22.49
N GLN A 31 -6.42 11.90 -21.53
CA GLN A 31 -7.39 12.71 -20.79
C GLN A 31 -8.16 13.64 -21.72
N GLU A 32 -7.44 14.42 -22.54
CA GLU A 32 -8.10 15.39 -23.41
C GLU A 32 -8.96 14.70 -24.46
N GLN A 33 -8.48 13.58 -25.02
CA GLN A 33 -9.20 12.93 -26.10
C GLN A 33 -10.50 12.31 -25.59
N ILE A 34 -10.47 11.65 -24.42
CA ILE A 34 -11.68 11.05 -23.88
C ILE A 34 -12.65 12.13 -23.40
N ILE A 35 -12.13 13.20 -22.80
CA ILE A 35 -13.00 14.26 -22.31
C ILE A 35 -13.63 15.03 -23.47
N ASP A 36 -12.85 15.29 -24.52
CA ASP A 36 -13.41 15.90 -25.71
C ASP A 36 -14.54 15.04 -26.29
N GLY A 37 -14.37 13.72 -26.22
CA GLY A 37 -15.41 12.83 -26.71
C GLY A 37 -16.62 12.80 -25.78
N TRP A 38 -16.37 12.80 -24.47
CA TRP A 38 -17.48 12.89 -23.52
C TRP A 38 -18.28 14.17 -23.75
N PHE A 39 -17.59 15.28 -24.03
CA PHE A 39 -18.28 16.54 -24.27
C PHE A 39 -19.14 16.46 -25.53
N LEU A 40 -18.61 15.86 -26.59
CA LEU A 40 -19.38 15.74 -27.83
C LEU A 40 -20.59 14.83 -27.65
N ALA A 41 -20.43 13.75 -26.88
CA ALA A 41 -21.55 12.84 -26.64
C ALA A 41 -22.64 13.53 -25.82
N ARG A 42 -22.25 14.26 -24.78
CA ARG A 42 -23.23 14.93 -23.92
C ARG A 42 -23.98 16.02 -24.68
N PHE A 43 -23.29 16.72 -25.59
CA PHE A 43 -23.97 17.74 -26.38
C PHE A 43 -24.94 17.11 -27.37
N TRP A 44 -24.53 16.02 -28.01
CA TRP A 44 -25.39 15.36 -28.99
C TRP A 44 -26.71 14.92 -28.36
N ILE A 45 -26.70 14.63 -27.06
CA ILE A 45 -27.94 14.33 -26.34
C ILE A 45 -28.70 15.61 -26.02
N PHE A 46 -27.97 16.64 -25.56
CA PHE A 46 -28.61 17.87 -25.10
C PHE A 46 -29.37 18.56 -26.24
N LYS A 47 -28.82 18.52 -27.45
CA LYS A 47 -29.39 19.27 -28.57
C LYS A 47 -30.79 18.80 -28.94
N ASP A 48 -31.18 17.60 -28.53
CA ASP A 48 -32.49 17.04 -28.87
C ASP A 48 -33.45 17.05 -27.69
N GLN A 49 -33.11 17.75 -26.61
CA GLN A 49 -33.90 17.72 -25.38
C GLN A 49 -34.68 19.01 -25.16
N ASN A 50 -34.80 19.85 -26.18
CA ASN A 50 -35.66 21.05 -26.15
C ASN A 50 -35.25 22.13 -25.15
N ASN A 51 -33.96 22.20 -24.85
CA ASN A 51 -33.41 23.27 -24.00
C ASN A 51 -32.13 23.71 -24.72
N ASN A 52 -32.27 24.77 -25.53
CA ASN A 52 -31.14 25.25 -26.32
C ASN A 52 -30.32 26.20 -25.44
N HIS A 53 -30.93 26.79 -24.43
CA HIS A 53 -30.21 27.73 -23.57
C HIS A 53 -29.24 27.00 -22.65
N GLN A 54 -29.66 25.87 -22.08
CA GLN A 54 -28.74 25.08 -21.25
C GLN A 54 -27.72 24.36 -22.10
N THR A 55 -28.12 23.90 -23.29
CA THR A 55 -27.17 23.28 -24.20
C THR A 55 -26.06 24.24 -24.60
N ASN A 56 -26.44 25.48 -24.92
CA ASN A 56 -25.43 26.50 -25.23
C ASN A 56 -24.61 26.87 -24.01
N ARG A 57 -25.22 26.86 -22.83
CA ARG A 57 -24.48 27.11 -21.60
C ARG A 57 -23.60 25.94 -21.20
N PHE A 58 -23.96 24.72 -21.63
CA PHE A 58 -23.06 23.59 -21.42
C PHE A 58 -21.82 23.71 -22.30
N ILE A 59 -21.97 24.24 -23.51
CA ILE A 59 -20.82 24.51 -24.36
C ILE A 59 -19.94 25.57 -23.72
N SER A 60 -20.55 26.60 -23.11
CA SER A 60 -19.78 27.65 -22.48
C SER A 60 -19.02 27.14 -21.26
N TRP A 61 -19.66 26.30 -20.46
CA TRP A 61 -19.00 25.76 -19.27
C TRP A 61 -17.79 24.92 -19.64
N PHE A 62 -17.89 24.16 -20.73
CA PHE A 62 -16.77 23.33 -21.16
C PHE A 62 -15.63 24.20 -21.70
N LYS A 63 -15.96 25.19 -22.52
CA LYS A 63 -14.93 26.05 -23.10
C LYS A 63 -14.17 26.80 -22.03
N ASP A 64 -14.88 27.37 -21.06
CA ASP A 64 -14.22 28.20 -20.06
C ASP A 64 -13.32 27.39 -19.14
N ASN A 65 -13.74 26.16 -18.80
CA ASN A 65 -12.89 25.30 -18.00
C ASN A 65 -11.61 24.94 -18.73
N LEU A 66 -11.65 24.91 -20.06
CA LEU A 66 -10.44 24.68 -20.84
C LEU A 66 -9.54 25.90 -20.85
N ALA A 67 -10.12 27.11 -20.82
CA ALA A 67 -9.32 28.33 -20.70
C ALA A 67 -8.63 28.42 -19.35
N SER A 68 -9.13 27.71 -18.34
CA SER A 68 -8.51 27.73 -17.03
C SER A 68 -7.13 27.06 -17.06
N SER A 69 -6.37 27.29 -16.00
CA SER A 69 -5.04 26.68 -15.88
C SER A 69 -5.16 25.16 -15.78
N LYS A 70 -5.99 24.68 -14.86
CA LYS A 70 -6.19 23.25 -14.70
C LYS A 70 -6.68 22.61 -15.99
N GLY A 71 -7.47 23.33 -16.77
CA GLY A 71 -7.95 22.85 -18.06
C GLY A 71 -8.76 21.58 -17.98
N TYR A 72 -8.19 20.49 -18.51
CA TYR A 72 -8.88 19.21 -18.50
C TYR A 72 -8.86 18.53 -17.14
N ASP A 73 -8.00 18.97 -16.22
CA ASP A 73 -8.00 18.42 -14.87
C ASP A 73 -9.29 18.78 -14.14
N SER A 74 -9.75 20.03 -14.29
CA SER A 74 -10.95 20.46 -13.60
C SER A 74 -12.19 19.74 -14.14
N ILE A 75 -12.24 19.51 -15.45
CA ILE A 75 -13.38 18.80 -16.03
C ILE A 75 -13.33 17.32 -15.65
N ALA A 76 -12.12 16.76 -15.57
CA ALA A 76 -11.99 15.32 -15.35
C ALA A 76 -12.64 14.89 -14.03
N GLU A 77 -12.47 15.69 -12.98
CA GLU A 77 -13.08 15.36 -11.70
C GLU A 77 -14.56 15.74 -11.66
N GLN A 78 -14.98 16.72 -12.46
CA GLN A 78 -16.37 17.15 -12.43
C GLN A 78 -17.29 16.09 -13.03
N MET A 79 -16.91 15.56 -14.19
CA MET A 79 -17.63 14.43 -14.78
C MET A 79 -17.06 13.09 -14.35
N GLY A 80 -16.16 13.08 -13.36
CA GLY A 80 -15.68 11.86 -12.75
C GLY A 80 -15.02 10.87 -13.68
N LEU A 81 -14.09 11.34 -14.51
CA LEU A 81 -13.32 10.46 -15.36
C LEU A 81 -12.54 9.46 -14.51
N LYS A 82 -12.75 8.17 -14.75
CA LYS A 82 -12.06 7.12 -14.03
C LYS A 82 -11.48 6.12 -15.01
N ILE A 83 -10.20 5.79 -14.85
CA ILE A 83 -9.53 4.77 -15.63
C ILE A 83 -8.78 3.86 -14.66
N GLU A 84 -9.08 2.57 -14.69
CA GLU A 84 -8.47 1.63 -13.75
C GLU A 84 -8.15 0.32 -14.46
N ALA A 85 -7.03 -0.28 -14.09
CA ALA A 85 -6.65 -1.59 -14.58
C ALA A 85 -7.10 -2.64 -13.56
N LEU A 86 -7.99 -3.53 -13.98
CA LEU A 86 -8.53 -4.55 -13.10
C LEU A 86 -7.85 -5.90 -13.26
N ASN A 87 -6.90 -6.02 -14.19
CA ASN A 87 -6.19 -7.26 -14.41
C ASN A 87 -4.73 -6.96 -14.72
N ASP A 88 -3.88 -7.96 -14.52
CA ASP A 88 -2.47 -7.82 -14.85
C ASP A 88 -2.30 -7.57 -16.34
N MET A 89 -1.42 -6.63 -16.68
CA MET A 89 -1.14 -6.30 -18.06
C MET A 89 -0.04 -7.21 -18.60
N ASP A 90 -0.15 -7.57 -19.86
CA ASP A 90 0.81 -8.49 -20.47
C ASP A 90 2.16 -7.81 -20.66
N VAL A 91 3.22 -8.56 -20.39
CA VAL A 91 4.60 -8.11 -20.64
C VAL A 91 5.13 -8.90 -21.84
N THR A 92 5.55 -8.19 -22.88
CA THR A 92 6.02 -8.82 -24.10
C THR A 92 7.33 -8.17 -24.54
N ASN A 93 8.07 -8.89 -25.38
CA ASN A 93 9.33 -8.43 -25.95
C ASN A 93 10.32 -8.03 -24.85
N ILE A 94 10.48 -8.93 -23.88
CA ILE A 94 11.43 -8.70 -22.80
C ILE A 94 12.84 -8.87 -23.34
N ASP A 95 13.64 -7.81 -23.26
CA ASP A 95 15.06 -7.85 -23.60
C ASP A 95 15.83 -7.15 -22.51
N TYR A 96 16.66 -7.91 -21.79
CA TYR A 96 17.37 -7.38 -20.64
C TYR A 96 18.86 -7.67 -20.76
N THR A 97 19.65 -6.89 -20.03
CA THR A 97 21.07 -7.11 -19.85
C THR A 97 21.36 -7.14 -18.36
N SER A 98 22.20 -8.08 -17.95
CA SER A 98 22.46 -8.33 -16.54
C SER A 98 23.87 -7.89 -16.17
N LYS A 99 24.03 -7.58 -14.88
CA LYS A 99 25.31 -7.21 -14.30
C LYS A 99 25.24 -7.44 -12.79
N THR A 100 26.41 -7.60 -12.19
CA THR A 100 26.49 -7.68 -10.74
C THR A 100 26.50 -6.28 -10.14
N GLY A 101 25.91 -6.16 -8.95
CA GLY A 101 25.80 -4.87 -8.29
C GLY A 101 26.65 -4.76 -7.05
N ASP A 102 26.13 -4.07 -6.05
CA ASP A 102 26.88 -3.82 -4.83
C ASP A 102 27.12 -5.11 -4.06
N THR A 103 28.21 -5.13 -3.29
CA THR A 103 28.51 -6.27 -2.44
C THR A 103 27.53 -6.33 -1.28
N ILE A 104 26.99 -7.52 -1.03
CA ILE A 104 26.20 -7.74 0.18
C ILE A 104 27.08 -8.27 1.31
N TYR A 105 27.96 -9.22 1.01
CA TYR A 105 28.94 -9.71 1.96
C TYR A 105 30.15 -10.23 1.22
N ASN A 106 31.34 -9.85 1.70
CA ASN A 106 32.59 -10.36 1.14
C ASN A 106 33.52 -10.66 2.29
N GLY A 107 33.74 -11.94 2.56
CA GLY A 107 34.60 -12.36 3.64
C GLY A 107 35.00 -13.79 3.47
N ILE A 108 35.65 -14.33 4.50
CA ILE A 108 36.12 -15.71 4.49
C ILE A 108 35.73 -16.38 5.81
N SER A 109 35.65 -17.71 5.76
CA SER A 109 35.50 -18.55 6.94
C SER A 109 36.70 -19.48 6.98
N GLU A 110 37.66 -19.18 7.86
CA GLU A 110 38.93 -19.90 7.92
C GLU A 110 38.78 -21.10 8.85
N LEU A 111 38.86 -22.30 8.27
CA LEU A 111 38.69 -23.56 9.01
C LEU A 111 40.05 -24.22 9.14
N THR A 112 40.61 -24.18 10.35
CA THR A 112 41.85 -24.89 10.64
C THR A 112 41.57 -26.37 10.84
N ASN A 113 42.63 -27.14 11.13
CA ASN A 113 42.49 -28.57 11.42
C ASN A 113 43.77 -29.05 12.07
N TYR A 114 43.62 -29.93 13.07
CA TYR A 114 44.78 -30.46 13.78
C TYR A 114 44.70 -31.95 14.08
N THR A 115 43.57 -32.61 13.82
CA THR A 115 43.47 -34.03 14.08
C THR A 115 44.43 -34.81 13.19
N GLY A 116 45.01 -35.87 13.75
CA GLY A 116 45.90 -36.72 12.99
C GLY A 116 45.25 -37.61 11.97
N THR A 117 43.98 -37.36 11.63
CA THR A 117 43.21 -38.23 10.75
C THR A 117 42.52 -37.42 9.68
N THR A 118 42.26 -38.07 8.54
CA THR A 118 41.52 -37.42 7.46
C THR A 118 40.10 -37.09 7.92
N GLN A 119 39.61 -35.92 7.50
CA GLN A 119 38.31 -35.46 8.02
C GLN A 119 37.41 -34.83 6.96
N LYS A 120 36.14 -34.61 7.31
CA LYS A 120 35.20 -33.89 6.42
C LYS A 120 34.68 -32.72 7.27
N MET A 121 35.53 -31.72 7.52
CA MET A 121 35.13 -30.60 8.40
C MET A 121 34.25 -29.63 7.62
N LYS A 122 33.41 -28.84 8.29
CA LYS A 122 32.42 -28.01 7.62
C LYS A 122 32.34 -26.62 8.24
N THR A 123 32.02 -25.65 7.40
CA THR A 123 31.69 -24.31 7.87
C THR A 123 30.26 -24.29 8.38
N ASP A 124 29.83 -23.15 8.91
CA ASP A 124 28.48 -22.96 9.38
C ASP A 124 27.74 -21.96 8.50
N SER A 125 26.42 -21.87 8.72
CA SER A 125 25.56 -20.99 7.94
C SER A 125 25.36 -19.67 8.68
N PHE A 126 25.21 -18.60 7.91
CA PHE A 126 24.86 -17.29 8.45
C PHE A 126 23.91 -16.60 7.48
N GLN A 127 23.60 -15.34 7.75
CA GLN A 127 22.37 -14.74 7.25
C GLN A 127 22.55 -13.23 7.20
N ARG A 128 22.64 -12.68 5.98
CA ARG A 128 22.94 -11.25 5.79
C ARG A 128 21.80 -10.59 5.02
N ASP A 129 21.32 -9.46 5.55
CA ASP A 129 20.17 -8.76 5.01
C ASP A 129 20.57 -7.89 3.83
N TYR A 130 19.58 -7.52 3.03
CA TYR A 130 19.76 -6.55 1.95
C TYR A 130 18.39 -6.02 1.53
N THR A 131 18.42 -5.03 0.63
CA THR A 131 17.22 -4.43 0.08
C THR A 131 17.34 -4.42 -1.44
N LYS A 132 16.29 -4.90 -2.11
CA LYS A 132 16.24 -4.88 -3.57
C LYS A 132 15.21 -3.86 -4.04
N SER A 133 15.50 -3.23 -5.18
CA SER A 133 14.67 -2.16 -5.73
C SER A 133 14.16 -2.54 -7.10
N GLU A 134 12.99 -2.00 -7.44
CA GLU A 134 12.34 -2.25 -8.73
C GLU A 134 11.86 -0.92 -9.28
N SER A 135 12.34 -0.54 -10.47
CA SER A 135 11.96 0.72 -11.09
C SER A 135 11.47 0.46 -12.51
N THR A 136 10.32 1.04 -12.85
CA THR A 136 9.74 0.93 -14.18
C THR A 136 9.34 2.31 -14.69
N SER A 137 9.31 2.46 -16.01
CA SER A 137 8.88 3.69 -16.66
C SER A 137 8.10 3.34 -17.91
N VAL A 138 6.97 4.03 -18.10
CA VAL A 138 6.12 3.82 -19.26
C VAL A 138 6.49 4.86 -20.31
N THR A 139 6.81 4.39 -21.52
CA THR A 139 7.21 5.31 -22.59
C THR A 139 6.02 6.10 -23.11
N ASN A 140 4.91 5.41 -23.41
CA ASN A 140 3.72 6.06 -23.95
C ASN A 140 2.69 6.26 -22.83
N GLY A 141 2.99 7.23 -21.97
CA GLY A 141 2.10 7.53 -20.87
C GLY A 141 0.79 8.10 -21.34
N LEU A 142 -0.27 7.82 -20.56
CA LEU A 142 -1.60 8.29 -20.91
C LEU A 142 -1.83 9.76 -20.57
N GLN A 143 -0.83 10.44 -19.99
CA GLN A 143 -0.91 11.85 -19.66
C GLN A 143 -2.14 12.30 -18.86
N LEU A 144 -2.40 11.58 -17.77
CA LEU A 144 -3.54 11.85 -16.92
C LEU A 144 -3.18 12.68 -15.69
N GLY A 145 -4.17 13.42 -15.18
CA GLY A 145 -3.97 14.18 -13.96
C GLY A 145 -3.92 13.33 -12.71
N PHE A 146 -4.45 12.11 -12.77
CA PHE A 146 -4.42 11.18 -11.66
C PHE A 146 -3.58 9.97 -12.01
N LYS A 147 -2.97 9.37 -11.00
CA LYS A 147 -2.12 8.21 -11.22
C LYS A 147 -2.96 6.98 -11.51
N VAL A 148 -2.62 6.29 -12.61
CA VAL A 148 -3.26 5.03 -12.99
C VAL A 148 -2.19 3.94 -12.92
N ALA A 149 -2.26 3.12 -11.88
CA ALA A 149 -1.27 2.08 -11.65
C ALA A 149 -1.71 0.76 -12.27
N ALA A 150 -0.74 -0.05 -12.67
CA ALA A 150 -0.98 -1.38 -13.20
C ALA A 150 0.12 -2.31 -12.73
N LYS A 151 -0.15 -3.61 -12.78
CA LYS A 151 0.82 -4.62 -12.43
C LYS A 151 1.15 -5.47 -13.65
N GLY A 152 2.35 -6.03 -13.64
CA GLY A 152 2.79 -6.90 -14.71
C GLY A 152 3.92 -7.80 -14.26
N VAL A 153 3.83 -9.09 -14.59
CA VAL A 153 4.84 -10.06 -14.18
C VAL A 153 5.95 -10.07 -15.22
N VAL A 154 7.14 -9.62 -14.83
CA VAL A 154 8.30 -9.60 -15.70
C VAL A 154 9.16 -10.80 -15.33
N ALA A 155 9.28 -11.75 -16.26
CA ALA A 155 10.04 -12.98 -16.05
C ALA A 155 11.31 -12.90 -16.87
N LEU A 156 12.44 -12.73 -16.18
CA LEU A 156 13.76 -12.77 -16.81
C LEU A 156 14.17 -14.24 -16.89
N ALA A 157 13.77 -14.88 -18.00
CA ALA A 157 13.79 -16.34 -18.08
C ALA A 157 15.20 -16.89 -17.87
N GLY A 158 16.19 -16.34 -18.59
CA GLY A 158 17.54 -16.87 -18.53
C GLY A 158 18.29 -16.60 -17.24
N ALA A 159 17.65 -15.97 -16.26
CA ALA A 159 18.30 -15.59 -15.01
C ALA A 159 17.58 -16.12 -13.78
N ASP A 160 16.54 -16.93 -13.95
CA ASP A 160 15.81 -17.53 -12.84
C ASP A 160 15.26 -16.48 -11.87
N PHE A 161 14.91 -15.30 -12.39
CA PHE A 161 14.28 -14.26 -11.60
C PHE A 161 12.95 -13.89 -12.23
N GLU A 162 11.92 -13.76 -11.40
CA GLU A 162 10.57 -13.47 -11.88
C GLU A 162 9.85 -12.71 -10.79
N THR A 163 9.38 -11.49 -11.11
CA THR A 163 8.73 -10.65 -10.13
C THR A 163 7.60 -9.87 -10.78
N SER A 164 6.59 -9.53 -9.98
CA SER A 164 5.48 -8.70 -10.42
C SER A 164 5.75 -7.26 -10.01
N VAL A 165 5.90 -6.38 -11.00
CA VAL A 165 6.26 -5.00 -10.76
C VAL A 165 5.06 -4.09 -11.03
N THR A 166 5.11 -2.90 -10.44
CA THR A 166 4.06 -1.91 -10.58
C THR A 166 4.48 -0.84 -11.59
N TYR A 167 3.53 -0.42 -12.43
CA TYR A 167 3.77 0.61 -13.42
C TYR A 167 2.87 1.81 -13.16
N ASN A 168 3.29 2.96 -13.71
CA ASN A 168 2.47 4.17 -13.71
C ASN A 168 2.13 4.48 -15.17
N LEU A 169 0.91 4.14 -15.57
CA LEU A 169 0.46 4.35 -16.94
C LEU A 169 0.12 5.80 -17.25
N SER A 170 0.17 6.69 -16.26
CA SER A 170 -0.22 8.08 -16.46
C SER A 170 0.94 8.97 -16.90
N SER A 171 2.17 8.68 -16.47
CA SER A 171 3.30 9.53 -16.77
C SER A 171 4.52 8.68 -17.10
N THR A 172 5.50 9.32 -17.72
CA THR A 172 6.79 8.70 -17.98
C THR A 172 7.70 8.69 -16.75
N THR A 173 7.23 9.20 -15.62
CA THR A 173 8.03 9.27 -14.42
C THR A 173 8.32 7.87 -13.87
N THR A 174 9.53 7.68 -13.37
CA THR A 174 9.94 6.39 -12.83
C THR A 174 9.08 6.00 -11.63
N GLU A 175 8.65 4.75 -11.60
CA GLU A 175 7.89 4.18 -10.49
C GLU A 175 8.77 3.16 -9.78
N THR A 176 9.14 3.46 -8.53
CA THR A 176 10.11 2.67 -7.79
C THR A 176 9.48 2.04 -6.55
N ASN A 177 9.89 0.80 -6.27
CA ASN A 177 9.53 0.12 -5.04
C ASN A 177 10.78 -0.54 -4.45
N THR A 178 10.90 -0.47 -3.12
CA THR A 178 12.01 -1.08 -2.40
C THR A 178 11.46 -2.10 -1.41
N ILE A 179 12.11 -3.25 -1.32
CA ILE A 179 11.64 -4.36 -0.50
C ILE A 179 12.84 -5.03 0.16
N SER A 180 12.66 -5.42 1.42
CA SER A 180 13.71 -6.05 2.20
C SER A 180 13.67 -7.57 2.00
N ASP A 181 14.77 -8.12 1.47
CA ASP A 181 14.89 -9.58 1.39
C ASP A 181 16.21 -10.04 2.01
N LYS A 182 16.44 -11.36 2.03
CA LYS A 182 17.52 -11.92 2.82
C LYS A 182 18.16 -13.13 2.14
N PHE A 183 19.48 -13.24 2.22
CA PHE A 183 20.20 -14.38 1.68
C PHE A 183 20.81 -15.19 2.81
N THR A 184 20.64 -16.50 2.75
CA THR A 184 21.19 -17.42 3.74
C THR A 184 22.43 -18.09 3.15
N VAL A 185 23.60 -17.70 3.64
CA VAL A 185 24.86 -18.30 3.19
C VAL A 185 24.95 -19.71 3.74
N PRO A 186 25.14 -20.73 2.90
CA PRO A 186 25.06 -22.11 3.37
C PRO A 186 26.39 -22.64 3.92
N SER A 187 26.29 -23.74 4.65
CA SER A 187 27.47 -24.49 5.05
C SER A 187 28.01 -25.24 3.84
N GLN A 188 29.34 -25.34 3.76
CA GLN A 188 30.01 -25.81 2.55
C GLN A 188 30.83 -27.05 2.83
N GLU A 189 30.87 -27.96 1.86
CA GLU A 189 31.50 -29.26 2.03
C GLU A 189 33.00 -29.15 1.80
N VAL A 190 33.78 -29.76 2.69
CA VAL A 190 35.23 -29.72 2.62
C VAL A 190 35.78 -31.04 3.15
N THR A 191 36.67 -31.66 2.38
CA THR A 191 37.40 -32.86 2.80
C THR A 191 38.84 -32.47 3.13
N LEU A 192 39.28 -32.81 4.33
CA LEU A 192 40.56 -32.34 4.85
C LEU A 192 41.43 -33.51 5.31
N SER A 193 42.73 -33.36 5.12
CA SER A 193 43.74 -34.31 5.55
C SER A 193 44.32 -33.87 6.90
N PRO A 194 45.06 -34.75 7.58
CA PRO A 194 45.67 -34.37 8.86
C PRO A 194 46.58 -33.16 8.73
N GLY A 195 46.27 -32.12 9.50
CA GLY A 195 47.10 -30.93 9.55
C GLY A 195 46.82 -29.90 8.46
N HIS A 196 45.89 -30.16 7.57
CA HIS A 196 45.62 -29.27 6.44
C HIS A 196 44.59 -28.21 6.83
N LYS A 197 44.55 -27.13 6.05
CA LYS A 197 43.68 -26.00 6.33
C LYS A 197 42.66 -25.85 5.21
N ALA A 198 41.54 -25.19 5.54
CA ALA A 198 40.47 -24.93 4.60
C ALA A 198 40.04 -23.47 4.72
N VAL A 199 40.02 -22.76 3.61
CA VAL A 199 39.48 -21.40 3.54
C VAL A 199 38.33 -21.41 2.54
N VAL A 200 37.25 -20.72 2.89
CA VAL A 200 36.08 -20.61 2.04
C VAL A 200 35.81 -19.11 1.84
N LYS A 201 36.01 -18.64 0.62
CA LYS A 201 35.80 -17.24 0.28
C LYS A 201 34.36 -17.04 -0.17
N HIS A 202 33.68 -16.07 0.43
CA HIS A 202 32.30 -15.75 0.11
C HIS A 202 32.25 -14.44 -0.66
N ASP A 203 31.57 -14.45 -1.81
CA ASP A 203 31.34 -13.25 -2.60
C ASP A 203 29.86 -13.20 -2.98
N LEU A 204 29.07 -12.47 -2.19
CA LEU A 204 27.65 -12.34 -2.40
C LEU A 204 27.33 -10.90 -2.79
N ARG A 205 26.67 -10.73 -3.94
CA ARG A 205 26.43 -9.41 -4.49
C ARG A 205 25.02 -9.31 -5.03
N LYS A 206 24.50 -8.09 -5.07
CA LYS A 206 23.23 -7.82 -5.75
C LYS A 206 23.38 -8.04 -7.26
N MET A 207 22.30 -8.49 -7.88
CA MET A 207 22.21 -8.58 -9.33
C MET A 207 21.37 -7.43 -9.86
N VAL A 208 21.80 -6.85 -10.96
CA VAL A 208 21.11 -5.70 -11.57
C VAL A 208 20.70 -6.08 -12.98
N TYR A 209 19.44 -5.82 -13.31
CA TYR A 209 18.87 -6.15 -14.61
C TYR A 209 18.29 -4.89 -15.24
N PHE A 210 18.84 -4.47 -16.37
CA PHE A 210 18.30 -3.39 -17.17
C PHE A 210 17.61 -3.98 -18.38
N GLY A 211 16.37 -3.57 -18.64
CA GLY A 211 15.63 -4.18 -19.74
C GLY A 211 14.59 -3.28 -20.35
N THR A 212 14.18 -3.65 -21.56
CA THR A 212 13.07 -3.04 -22.27
C THR A 212 11.96 -4.08 -22.43
N GLN A 213 10.77 -3.60 -22.79
CA GLN A 213 9.60 -4.47 -22.88
C GLN A 213 8.49 -3.72 -23.59
N ASP A 214 7.35 -4.40 -23.73
CA ASP A 214 6.08 -3.80 -24.05
C ASP A 214 5.10 -4.11 -22.92
N LEU A 215 4.06 -3.30 -22.81
CA LEU A 215 3.05 -3.48 -21.77
C LEU A 215 1.68 -3.34 -22.43
N LYS A 216 0.93 -4.44 -22.49
CA LYS A 216 -0.36 -4.49 -23.15
C LYS A 216 -1.42 -4.97 -22.17
N GLY A 217 -2.62 -4.44 -22.28
CA GLY A 217 -3.70 -4.86 -21.41
C GLY A 217 -4.86 -3.90 -21.43
N ASP A 218 -5.96 -4.35 -20.83
CA ASP A 218 -7.23 -3.64 -20.86
C ASP A 218 -7.36 -2.69 -19.68
N LEU A 219 -7.98 -1.53 -19.93
CA LEU A 219 -8.27 -0.54 -18.90
C LEU A 219 -9.75 -0.24 -18.90
N LYS A 220 -10.34 -0.16 -17.70
CA LYS A 220 -11.76 0.12 -17.55
C LYS A 220 -11.96 1.64 -17.45
N VAL A 221 -12.75 2.20 -18.37
CA VAL A 221 -13.04 3.62 -18.40
C VAL A 221 -14.51 3.82 -18.05
N SER A 222 -14.79 4.77 -17.16
CA SER A 222 -16.14 5.05 -16.73
C SER A 222 -16.30 6.55 -16.52
N PHE A 223 -17.54 7.02 -16.64
CA PHE A 223 -17.89 8.42 -16.40
C PHE A 223 -18.87 8.48 -15.23
N ASN A 224 -18.51 9.23 -14.20
CA ASN A 224 -19.41 9.49 -13.08
C ASN A 224 -19.87 10.94 -13.17
N ASP A 225 -20.75 11.20 -14.15
CA ASP A 225 -21.15 12.56 -14.50
C ASP A 225 -22.62 12.85 -14.20
N LYS A 226 -23.32 11.98 -13.47
CA LYS A 226 -24.74 12.12 -13.18
C LYS A 226 -25.03 13.49 -12.57
N GLU A 227 -24.12 13.99 -11.73
CA GLU A 227 -24.35 15.25 -11.04
C GLU A 227 -24.15 16.44 -11.98
N ILE A 228 -23.08 16.43 -12.77
CA ILE A 228 -22.75 17.60 -13.60
C ILE A 228 -23.69 17.68 -14.81
N VAL A 229 -24.06 16.54 -15.39
CA VAL A 229 -24.99 16.55 -16.52
C VAL A 229 -26.34 17.12 -16.11
N GLN A 230 -26.82 16.77 -14.92
CA GLN A 230 -28.14 17.22 -14.48
C GLN A 230 -28.15 18.67 -14.02
N LYS A 231 -26.99 19.28 -13.77
CA LYS A 231 -26.95 20.71 -13.50
C LYS A 231 -27.27 21.54 -14.74
N PHE A 232 -27.28 20.93 -15.92
CA PHE A 232 -27.67 21.60 -17.15
C PHE A 232 -29.04 21.16 -17.64
N ILE A 233 -29.27 19.86 -17.83
CA ILE A 233 -30.59 19.33 -18.11
C ILE A 233 -30.81 18.10 -17.24
N TYR A 234 -31.77 18.20 -16.31
CA TYR A 234 -32.06 17.18 -15.31
C TYR A 234 -32.87 16.01 -15.88
N PRO A 235 -34.00 16.23 -16.55
CA PRO A 235 -34.81 15.08 -16.99
C PRO A 235 -34.12 14.28 -18.07
N ASN A 236 -34.60 13.05 -18.25
CA ASN A 236 -34.12 12.14 -19.29
C ASN A 236 -32.62 11.86 -19.14
N TYR A 237 -32.18 11.62 -17.91
CA TYR A 237 -30.78 11.31 -17.71
C TYR A 237 -30.47 9.87 -18.10
N ARG A 238 -29.33 9.67 -18.75
CA ARG A 238 -28.81 8.36 -19.09
C ARG A 238 -27.31 8.37 -18.91
N SER A 239 -26.77 7.25 -18.47
CA SER A 239 -25.32 7.13 -18.36
C SER A 239 -24.71 6.97 -19.75
N ILE A 240 -23.45 7.35 -19.85
CA ILE A 240 -22.73 7.39 -21.13
C ILE A 240 -21.41 6.65 -20.95
N ASP A 241 -21.05 5.84 -21.95
CA ASP A 241 -19.74 5.21 -22.01
C ASP A 241 -19.10 5.45 -23.37
N LEU A 242 -17.94 4.85 -23.61
CA LEU A 242 -17.23 5.07 -24.86
C LEU A 242 -18.02 4.75 -26.13
N SER A 243 -19.04 3.90 -26.01
CA SER A 243 -19.91 3.53 -27.15
C SER A 243 -20.68 4.76 -27.64
N ASP A 244 -21.11 5.60 -26.71
CA ASP A 244 -21.88 6.78 -27.07
C ASP A 244 -21.00 7.83 -27.76
N ILE A 245 -19.72 7.90 -27.40
CA ILE A 245 -18.80 8.80 -28.08
C ILE A 245 -18.57 8.34 -29.51
N ARG A 246 -18.42 7.03 -29.71
CA ARG A 246 -18.24 6.50 -31.06
C ARG A 246 -19.47 6.77 -31.93
N LYS A 247 -20.66 6.58 -31.36
CA LYS A 247 -21.89 6.89 -32.08
C LYS A 247 -21.99 8.38 -32.40
N THR A 248 -21.62 9.23 -31.44
CA THR A 248 -21.72 10.67 -31.64
C THR A 248 -20.83 11.14 -32.78
N MET A 249 -19.56 10.75 -32.76
CA MET A 249 -18.63 11.21 -33.79
C MET A 249 -18.99 10.64 -35.16
N ILE A 250 -19.57 9.44 -35.22
CA ILE A 250 -20.07 8.91 -36.48
C ILE A 250 -21.18 9.79 -37.02
N GLU A 251 -22.11 10.19 -36.15
CA GLU A 251 -23.27 10.97 -36.58
C GLU A 251 -22.91 12.42 -36.85
N ILE A 252 -21.87 12.95 -36.20
CA ILE A 252 -21.41 14.30 -36.51
C ILE A 252 -20.82 14.35 -37.90
N ASP A 253 -19.97 13.38 -38.24
CA ASP A 253 -19.39 13.32 -39.58
C ASP A 253 -20.47 13.06 -40.64
N LYS A 254 -21.47 12.24 -40.30
CA LYS A 254 -22.57 12.02 -41.22
C LYS A 254 -23.35 13.31 -41.48
N TRP A 255 -23.48 14.15 -40.45
CA TRP A 255 -24.20 15.40 -40.60
C TRP A 255 -23.52 16.32 -41.61
N ASN A 256 -22.19 16.35 -41.60
CA ASN A 256 -21.42 17.21 -42.49
C ASN A 256 -21.01 16.50 -43.78
N HIS A 257 -21.43 15.25 -43.97
CA HIS A 257 -21.19 14.50 -45.21
C HIS A 257 -19.70 14.31 -45.47
N VAL A 258 -18.99 13.85 -44.44
CA VAL A 258 -17.58 13.49 -44.55
C VAL A 258 -17.41 12.07 -44.05
N ASN A 259 -16.23 11.51 -44.31
CA ASN A 259 -15.94 10.13 -43.90
C ASN A 259 -16.12 9.98 -42.40
N THR A 260 -16.79 8.90 -41.99
CA THR A 260 -17.06 8.65 -40.59
C THR A 260 -15.81 8.14 -39.89
N ILE A 261 -15.33 8.90 -38.91
CA ILE A 261 -14.20 8.47 -38.09
C ILE A 261 -14.68 7.45 -37.07
N ASP A 262 -13.80 6.52 -36.70
CA ASP A 262 -14.11 5.53 -35.69
C ASP A 262 -13.39 5.93 -34.40
N PHE A 263 -14.16 6.37 -33.41
CA PHE A 263 -13.59 6.77 -32.13
C PHE A 263 -12.79 5.64 -31.49
N TYR A 264 -13.27 4.39 -31.63
CA TYR A 264 -12.57 3.25 -31.07
C TYR A 264 -11.17 3.10 -31.64
N GLN A 265 -10.90 3.67 -32.81
CA GLN A 265 -9.57 3.68 -33.40
C GLN A 265 -8.97 5.09 -33.41
N LEU A 266 -9.27 5.87 -32.38
CA LEU A 266 -8.87 7.27 -32.31
C LEU A 266 -8.32 7.60 -30.93
N VAL A 267 -7.57 6.67 -30.33
CA VAL A 267 -7.09 6.86 -28.96
C VAL A 267 -5.58 6.68 -28.90
N GLY A 268 -4.88 7.26 -29.88
CA GLY A 268 -3.44 7.28 -29.87
C GLY A 268 -2.81 6.06 -30.53
N VAL A 269 -1.50 6.15 -30.73
CA VAL A 269 -0.78 5.10 -31.44
C VAL A 269 -0.78 3.82 -30.63
N LYS A 270 -0.90 2.68 -31.33
CA LYS A 270 -0.86 1.34 -30.76
C LYS A 270 -2.00 1.05 -29.79
N ASN A 271 -2.99 1.94 -29.70
CA ASN A 271 -4.06 1.77 -28.74
C ASN A 271 -5.33 1.61 -29.57
N HIS A 272 -6.36 1.05 -28.92
CA HIS A 272 -7.69 0.98 -29.49
C HIS A 272 -8.68 0.67 -28.36
N ILE A 273 -9.94 0.97 -28.62
CA ILE A 273 -11.03 0.68 -27.69
C ILE A 273 -11.70 -0.61 -28.10
N LYS A 274 -12.02 -1.45 -27.13
CA LYS A 274 -12.66 -2.74 -27.36
C LYS A 274 -14.18 -2.66 -27.31
N ASN A 275 -14.73 -2.08 -26.24
CA ASN A 275 -16.18 -1.91 -26.12
C ASN A 275 -16.44 -0.68 -25.27
N GLY A 276 -17.66 -0.57 -24.74
CA GLY A 276 -18.11 0.66 -24.10
C GLY A 276 -17.26 1.14 -22.95
N ASP A 277 -16.54 0.23 -22.26
CA ASP A 277 -15.79 0.61 -21.08
C ASP A 277 -14.37 0.04 -21.05
N THR A 278 -13.90 -0.55 -22.15
CA THR A 278 -12.60 -1.22 -22.17
C THR A 278 -11.69 -0.50 -23.16
N LEU A 279 -10.65 0.14 -22.62
CA LEU A 279 -9.60 0.75 -23.43
C LEU A 279 -8.38 -0.15 -23.42
N TYR A 280 -7.91 -0.53 -24.61
CA TYR A 280 -6.73 -1.37 -24.76
C TYR A 280 -5.54 -0.49 -25.12
N ILE A 281 -4.46 -0.62 -24.35
CA ILE A 281 -3.26 0.17 -24.58
C ILE A 281 -2.06 -0.76 -24.72
N ASP A 282 -1.07 -0.30 -25.49
CA ASP A 282 0.13 -1.06 -25.80
C ASP A 282 1.29 -0.06 -25.81
N THR A 283 2.04 -0.03 -24.72
CA THR A 283 3.11 0.94 -24.59
C THR A 283 4.46 0.26 -24.35
N PRO A 284 5.53 0.79 -24.94
CA PRO A 284 6.86 0.36 -24.52
C PRO A 284 7.13 0.78 -23.08
N ALA A 285 7.96 -0.01 -22.40
CA ALA A 285 8.32 0.29 -21.03
C ALA A 285 9.76 -0.13 -20.80
N GLU A 286 10.37 0.46 -19.78
CA GLU A 286 11.72 0.13 -19.37
C GLU A 286 11.71 -0.22 -17.89
N PHE A 287 12.59 -1.14 -17.50
CA PHE A 287 12.63 -1.60 -16.12
C PHE A 287 14.08 -1.74 -15.66
N THR A 288 14.28 -1.57 -14.36
CA THR A 288 15.57 -1.78 -13.71
C THR A 288 15.33 -2.44 -12.36
N PHE A 289 15.82 -3.66 -12.20
CA PHE A 289 15.76 -4.38 -10.94
C PHE A 289 17.16 -4.38 -10.32
N ASN A 290 17.31 -3.73 -9.18
CA ASN A 290 18.60 -3.64 -8.48
C ASN A 290 18.48 -4.43 -7.18
N GLY A 291 19.05 -5.63 -7.18
CA GLY A 291 18.93 -6.54 -6.06
C GLY A 291 18.51 -7.91 -6.52
N ALA A 292 17.21 -8.12 -6.68
CA ALA A 292 16.62 -9.30 -7.34
C ALA A 292 17.17 -10.55 -6.66
N ASN A 293 17.69 -11.53 -7.40
CA ASN A 293 18.33 -12.68 -6.81
C ASN A 293 19.83 -12.44 -6.69
N PRO A 294 20.39 -12.44 -5.48
CA PRO A 294 21.80 -12.07 -5.33
C PRO A 294 22.73 -13.12 -5.92
N TYR A 295 23.79 -12.65 -6.57
CA TYR A 295 24.82 -13.55 -7.09
C TYR A 295 25.75 -13.96 -5.96
N TYR A 296 25.96 -15.26 -5.81
CA TYR A 296 26.77 -15.80 -4.73
C TYR A 296 27.84 -16.71 -5.33
N ARG A 297 29.10 -16.38 -5.05
CA ARG A 297 30.23 -17.20 -5.46
C ARG A 297 31.00 -17.66 -4.22
N ALA A 298 31.32 -18.94 -4.17
CA ALA A 298 32.06 -19.52 -3.06
C ALA A 298 33.11 -20.46 -3.61
N THR A 299 34.37 -20.24 -3.23
CA THR A 299 35.47 -21.10 -3.58
C THR A 299 36.12 -21.64 -2.32
N PHE A 300 36.75 -22.81 -2.45
CA PHE A 300 37.44 -23.45 -1.33
C PHE A 300 38.78 -23.97 -1.82
N THR A 301 39.85 -23.53 -1.18
CA THR A 301 41.20 -24.01 -1.46
C THR A 301 41.75 -24.68 -0.22
N GLU A 302 42.28 -25.89 -0.40
CA GLU A 302 42.87 -26.65 0.69
C GLU A 302 44.38 -26.43 0.72
N TYR A 303 44.90 -26.05 1.88
CA TYR A 303 46.32 -25.84 2.08
C TYR A 303 46.87 -26.93 3.00
N ASP A 304 48.05 -27.44 2.67
CA ASP A 304 48.68 -28.47 3.49
C ASP A 304 49.41 -27.81 4.66
N GLU A 305 50.06 -28.62 5.49
CA GLU A 305 50.76 -28.08 6.65
C GLU A 305 51.78 -27.00 6.32
N ASN A 306 52.33 -27.02 5.10
CA ASN A 306 53.29 -26.03 4.67
C ASN A 306 52.63 -24.78 4.08
N GLY A 307 51.31 -24.67 4.18
CA GLY A 307 50.63 -23.51 3.62
C GLY A 307 50.53 -23.50 2.12
N ASN A 308 50.71 -24.66 1.47
CA ASN A 308 50.66 -24.77 0.02
C ASN A 308 49.29 -25.29 -0.42
N PRO A 309 48.71 -24.68 -1.45
CA PRO A 309 47.38 -25.11 -1.90
C PRO A 309 47.45 -26.49 -2.52
N VAL A 310 46.60 -27.39 -2.01
CA VAL A 310 46.54 -28.76 -2.52
C VAL A 310 45.44 -28.92 -3.56
N GLN A 311 44.26 -28.38 -3.27
CA GLN A 311 43.10 -28.57 -4.13
C GLN A 311 42.22 -27.34 -4.04
N THR A 312 41.46 -27.08 -5.11
CA THR A 312 40.63 -25.89 -5.21
C THR A 312 39.32 -26.26 -5.90
N LYS A 313 38.23 -26.31 -5.15
CA LYS A 313 36.92 -26.73 -5.64
C LYS A 313 35.93 -25.56 -5.63
N ILE A 314 35.12 -25.48 -6.69
CA ILE A 314 34.07 -24.46 -6.78
C ILE A 314 32.81 -24.98 -6.10
N LEU A 315 32.20 -24.14 -5.26
CA LEU A 315 31.01 -24.54 -4.47
C LEU A 315 29.78 -23.71 -4.82
N SER A 316 29.96 -22.59 -5.54
CA SER A 316 28.82 -21.76 -5.94
C SER A 316 29.25 -20.86 -7.08
N GLY A 317 28.44 -20.83 -8.13
CA GLY A 317 28.74 -20.01 -9.30
C GLY A 317 29.32 -20.78 -10.45
N PRO B 1 -54.97 -4.86 17.81
CA PRO B 1 -54.95 -4.61 16.37
C PRO B 1 -53.55 -4.43 15.81
N TYR B 2 -52.56 -5.07 16.43
CA TYR B 2 -51.18 -4.89 16.04
C TYR B 2 -50.42 -6.21 16.15
N ALA B 3 -49.36 -6.31 15.37
CA ALA B 3 -48.43 -7.43 15.41
C ALA B 3 -47.02 -6.91 15.70
N GLU B 4 -46.17 -7.80 16.18
CA GLU B 4 -44.81 -7.41 16.56
C GLU B 4 -44.02 -6.97 15.35
N SER B 5 -43.32 -5.85 15.48
CA SER B 5 -42.52 -5.28 14.41
C SER B 5 -41.05 -5.60 14.62
N TYR B 6 -40.40 -6.09 13.57
CA TYR B 6 -38.95 -6.29 13.61
C TYR B 6 -38.22 -4.96 13.77
N ILE B 7 -38.86 -3.85 13.40
CA ILE B 7 -38.23 -2.53 13.54
C ILE B 7 -38.03 -2.20 15.01
N ASP B 8 -39.06 -2.43 15.83
CA ASP B 8 -38.90 -2.22 17.27
C ASP B 8 -37.88 -3.19 17.86
N THR B 9 -37.81 -4.41 17.34
CA THR B 9 -36.83 -5.37 17.81
C THR B 9 -35.41 -4.91 17.52
N VAL B 10 -35.17 -4.41 16.30
CA VAL B 10 -33.85 -3.92 15.94
C VAL B 10 -33.48 -2.70 16.76
N GLN B 11 -34.42 -1.76 16.90
CA GLN B 11 -34.20 -0.56 17.71
C GLN B 11 -33.81 -0.93 19.14
N ASP B 12 -34.59 -1.82 19.76
CA ASP B 12 -34.27 -2.28 21.10
C ASP B 12 -32.96 -3.07 21.13
N ARG B 13 -32.65 -3.78 20.04
CA ARG B 13 -31.40 -4.54 19.99
C ARG B 13 -30.18 -3.63 19.99
N MET B 14 -30.26 -2.52 19.25
CA MET B 14 -29.15 -1.57 19.23
C MET B 14 -28.92 -0.98 20.61
N LYS B 15 -29.99 -0.58 21.29
CA LYS B 15 -29.86 0.00 22.62
C LYS B 15 -29.32 -1.01 23.62
N GLN B 16 -29.67 -2.28 23.46
CA GLN B 16 -29.17 -3.31 24.37
C GLN B 16 -27.71 -3.64 24.07
N ARG B 17 -27.33 -3.59 22.79
CA ARG B 17 -25.95 -3.87 22.42
C ARG B 17 -25.00 -2.82 22.98
N ASP B 18 -25.36 -1.54 22.84
CA ASP B 18 -24.54 -0.47 23.41
C ASP B 18 -24.49 -0.56 24.93
N ARG B 19 -25.60 -0.95 25.56
CA ARG B 19 -25.64 -1.03 27.02
C ARG B 19 -24.71 -2.11 27.53
N GLU B 20 -24.65 -3.26 26.85
CA GLU B 20 -23.75 -4.32 27.28
C GLU B 20 -22.29 -3.88 27.20
N SER B 21 -21.94 -3.15 26.13
CA SER B 21 -20.57 -2.67 25.99
C SER B 21 -20.18 -1.75 27.14
N LYS B 22 -21.13 -0.94 27.62
CA LYS B 22 -20.85 0.02 28.68
C LYS B 22 -21.03 -0.55 30.08
N LEU B 23 -21.78 -1.63 30.23
CA LEU B 23 -21.91 -2.29 31.52
C LEU B 23 -20.81 -3.31 31.78
N THR B 24 -20.19 -3.84 30.73
CA THR B 24 -19.10 -4.80 30.86
C THR B 24 -17.74 -4.19 30.53
N GLY B 25 -17.70 -3.01 29.92
CA GLY B 25 -16.45 -2.43 29.47
C GLY B 25 -15.88 -3.04 28.21
N LYS B 26 -16.49 -4.11 27.70
CA LYS B 26 -16.04 -4.77 26.49
C LYS B 26 -16.47 -3.97 25.25
N PRO B 27 -15.75 -4.11 24.14
CA PRO B 27 -16.10 -3.34 22.95
C PRO B 27 -17.40 -3.81 22.33
N ILE B 28 -18.12 -2.86 21.73
CA ILE B 28 -19.30 -3.21 20.95
C ILE B 28 -18.87 -3.87 19.64
N ASN B 29 -19.78 -4.67 19.07
CA ASN B 29 -19.59 -5.17 17.72
C ASN B 29 -19.97 -4.03 16.78
N MET B 30 -18.97 -3.27 16.35
CA MET B 30 -19.23 -2.09 15.53
C MET B 30 -19.91 -2.45 14.22
N GLN B 31 -19.61 -3.63 13.66
CA GLN B 31 -20.27 -4.07 12.44
C GLN B 31 -21.76 -4.29 12.68
N GLU B 32 -22.10 -4.96 13.79
CA GLU B 32 -23.50 -5.29 14.06
C GLU B 32 -24.31 -4.06 14.35
N GLN B 33 -23.76 -3.13 15.13
CA GLN B 33 -24.50 -1.92 15.50
C GLN B 33 -24.71 -1.02 14.28
N ILE B 34 -23.66 -0.80 13.48
CA ILE B 34 -23.76 0.10 12.35
C ILE B 34 -24.69 -0.47 11.28
N ILE B 35 -24.61 -1.78 11.04
CA ILE B 35 -25.46 -2.41 10.04
C ILE B 35 -26.92 -2.38 10.50
N ASP B 36 -27.16 -2.71 11.79
CA ASP B 36 -28.50 -2.63 12.34
C ASP B 36 -29.09 -1.23 12.14
N GLY B 37 -28.27 -0.21 12.37
CA GLY B 37 -28.72 1.15 12.13
C GLY B 37 -28.94 1.43 10.65
N TRP B 38 -28.08 0.88 9.79
CA TRP B 38 -28.29 1.02 8.36
C TRP B 38 -29.62 0.41 7.93
N PHE B 39 -30.01 -0.71 8.54
CA PHE B 39 -31.27 -1.34 8.20
C PHE B 39 -32.46 -0.49 8.61
N LEU B 40 -32.38 0.15 9.78
CA LEU B 40 -33.46 0.99 10.24
C LEU B 40 -33.64 2.21 9.35
N ALA B 41 -32.52 2.83 8.94
CA ALA B 41 -32.59 4.02 8.10
C ALA B 41 -33.16 3.69 6.73
N ARG B 42 -32.78 2.56 6.15
CA ARG B 42 -33.31 2.22 4.83
C ARG B 42 -34.77 1.82 4.91
N PHE B 43 -35.19 1.18 6.01
CA PHE B 43 -36.60 0.86 6.18
C PHE B 43 -37.43 2.14 6.33
N TRP B 44 -36.96 3.08 7.15
CA TRP B 44 -37.68 4.33 7.35
C TRP B 44 -37.87 5.11 6.06
N ILE B 45 -37.07 4.81 5.03
CA ILE B 45 -37.27 5.36 3.70
C ILE B 45 -38.28 4.55 2.91
N PHE B 46 -38.07 3.23 2.86
CA PHE B 46 -38.94 2.36 2.07
C PHE B 46 -40.40 2.46 2.51
N LYS B 47 -40.63 2.62 3.81
CA LYS B 47 -41.99 2.68 4.34
C LYS B 47 -42.80 3.82 3.73
N ASP B 48 -42.15 4.86 3.23
CA ASP B 48 -42.82 6.02 2.67
C ASP B 48 -42.62 6.10 1.16
N GLN B 49 -42.43 4.96 0.49
CA GLN B 49 -42.18 4.94 -0.94
C GLN B 49 -43.18 4.07 -1.70
N ASN B 50 -44.32 3.77 -1.07
CA ASN B 50 -45.48 3.18 -1.76
C ASN B 50 -45.15 1.82 -2.38
N ASN B 51 -44.37 1.01 -1.66
CA ASN B 51 -44.06 -0.35 -2.11
C ASN B 51 -43.83 -1.20 -0.85
N ASN B 52 -44.94 -1.67 -0.28
CA ASN B 52 -44.89 -2.38 0.99
C ASN B 52 -44.45 -3.83 0.83
N HIS B 53 -44.85 -4.47 -0.27
CA HIS B 53 -44.47 -5.86 -0.49
C HIS B 53 -42.96 -6.02 -0.52
N GLN B 54 -42.25 -5.04 -1.09
CA GLN B 54 -40.80 -5.12 -1.13
C GLN B 54 -40.18 -4.65 0.18
N THR B 55 -40.78 -3.62 0.79
CA THR B 55 -40.32 -3.17 2.10
C THR B 55 -40.41 -4.29 3.12
N ASN B 56 -41.53 -5.02 3.13
CA ASN B 56 -41.67 -6.17 4.01
C ASN B 56 -40.71 -7.29 3.61
N ARG B 57 -40.39 -7.41 2.33
CA ARG B 57 -39.42 -8.39 1.89
C ARG B 57 -37.99 -7.94 2.19
N PHE B 58 -37.75 -6.63 2.24
CA PHE B 58 -36.46 -6.12 2.69
C PHE B 58 -36.22 -6.47 4.15
N ILE B 59 -37.27 -6.42 4.97
CA ILE B 59 -37.17 -6.88 6.35
C ILE B 59 -36.83 -8.37 6.39
N SER B 60 -37.44 -9.14 5.49
CA SER B 60 -37.15 -10.58 5.44
C SER B 60 -35.72 -10.83 4.98
N TRP B 61 -35.29 -10.14 3.91
CA TRP B 61 -33.93 -10.32 3.41
C TRP B 61 -32.90 -10.04 4.50
N PHE B 62 -33.13 -9.00 5.31
CA PHE B 62 -32.21 -8.69 6.40
C PHE B 62 -32.18 -9.82 7.43
N LYS B 63 -33.35 -10.35 7.77
CA LYS B 63 -33.43 -11.42 8.77
C LYS B 63 -32.77 -12.70 8.25
N ASP B 64 -33.12 -13.11 7.03
CA ASP B 64 -32.61 -14.38 6.50
C ASP B 64 -31.10 -14.35 6.33
N ASN B 65 -30.53 -13.18 6.01
CA ASN B 65 -29.07 -13.08 5.98
C ASN B 65 -28.47 -13.03 7.38
N LEU B 66 -29.24 -12.57 8.37
CA LEU B 66 -28.77 -12.61 9.75
C LEU B 66 -28.76 -14.05 10.28
N ALA B 67 -29.73 -14.85 9.87
CA ALA B 67 -29.77 -16.27 10.23
C ALA B 67 -28.82 -17.10 9.37
N SER B 68 -28.27 -16.54 8.30
CA SER B 68 -27.32 -17.26 7.48
C SER B 68 -26.01 -17.48 8.23
N SER B 69 -25.14 -18.29 7.65
CA SER B 69 -23.86 -18.59 8.29
C SER B 69 -22.99 -17.34 8.40
N LYS B 70 -22.81 -16.63 7.28
CA LYS B 70 -21.98 -15.44 7.29
C LYS B 70 -22.61 -14.30 8.10
N GLY B 71 -23.94 -14.32 8.25
CA GLY B 71 -24.58 -13.38 9.15
C GLY B 71 -24.38 -11.94 8.73
N TYR B 72 -23.84 -11.14 9.65
CA TYR B 72 -23.62 -9.72 9.39
C TYR B 72 -22.53 -9.50 8.35
N ASP B 73 -21.56 -10.41 8.27
CA ASP B 73 -20.50 -10.28 7.27
C ASP B 73 -21.07 -10.33 5.85
N SER B 74 -22.07 -11.18 5.63
CA SER B 74 -22.71 -11.24 4.32
C SER B 74 -23.43 -9.94 4.00
N ILE B 75 -24.16 -9.39 4.97
CA ILE B 75 -24.82 -8.11 4.76
C ILE B 75 -23.80 -7.00 4.59
N ALA B 76 -22.73 -7.02 5.40
CA ALA B 76 -21.68 -6.02 5.28
C ALA B 76 -21.14 -5.95 3.85
N GLU B 77 -21.05 -7.11 3.18
CA GLU B 77 -20.60 -7.12 1.79
C GLU B 77 -21.67 -6.60 0.85
N GLN B 78 -22.94 -6.95 1.11
CA GLN B 78 -24.00 -6.60 0.16
C GLN B 78 -24.27 -5.10 0.14
N MET B 79 -24.30 -4.45 1.29
CA MET B 79 -24.44 -3.00 1.35
C MET B 79 -23.10 -2.29 1.46
N GLY B 80 -21.99 -3.03 1.33
CA GLY B 80 -20.67 -2.44 1.21
C GLY B 80 -20.25 -1.55 2.37
N LEU B 81 -20.33 -2.08 3.59
CA LEU B 81 -19.80 -1.36 4.74
C LEU B 81 -18.30 -1.13 4.56
N LYS B 82 -17.87 0.10 4.77
CA LYS B 82 -16.46 0.46 4.62
C LYS B 82 -16.07 1.43 5.71
N ILE B 83 -15.18 1.00 6.60
CA ILE B 83 -14.62 1.84 7.65
C ILE B 83 -13.14 2.00 7.35
N GLU B 84 -12.68 3.24 7.22
CA GLU B 84 -11.30 3.52 6.84
C GLU B 84 -10.68 4.50 7.82
N ALA B 85 -9.48 4.18 8.28
CA ALA B 85 -8.67 5.11 9.07
C ALA B 85 -7.91 6.00 8.08
N LEU B 86 -8.39 7.24 7.94
CA LEU B 86 -7.85 8.09 6.88
C LEU B 86 -6.45 8.59 7.19
N ASN B 87 -6.18 8.78 8.48
CA ASN B 87 -4.87 9.36 8.86
C ASN B 87 -4.35 8.70 10.13
N ASP B 88 -3.26 9.25 10.67
CA ASP B 88 -2.67 8.69 11.88
C ASP B 88 -3.58 8.89 13.09
N MET B 89 -3.45 8.00 14.06
CA MET B 89 -4.25 8.02 15.28
C MET B 89 -3.48 8.70 16.40
N ASP B 90 -4.22 9.26 17.36
CA ASP B 90 -3.63 9.97 18.48
C ASP B 90 -3.21 8.96 19.55
N VAL B 91 -1.90 8.80 19.74
CA VAL B 91 -1.36 7.89 20.73
C VAL B 91 -1.14 8.64 22.03
N THR B 92 -1.78 8.19 23.10
CA THR B 92 -1.70 8.84 24.41
C THR B 92 -1.53 7.79 25.48
N ASN B 93 -1.18 8.26 26.69
CA ASN B 93 -1.17 7.44 27.90
C ASN B 93 -0.21 6.25 27.76
N ILE B 94 1.02 6.55 27.34
CA ILE B 94 2.03 5.52 27.13
C ILE B 94 2.70 5.20 28.46
N ASP B 95 2.70 3.92 28.82
CA ASP B 95 3.47 3.41 29.95
C ASP B 95 4.22 2.18 29.48
N TYR B 96 5.55 2.23 29.53
CA TYR B 96 6.36 1.21 28.88
C TYR B 96 7.50 0.78 29.79
N THR B 97 7.96 -0.46 29.58
CA THR B 97 9.13 -1.02 30.22
C THR B 97 10.22 -1.25 29.17
N SER B 98 11.47 -0.99 29.53
CA SER B 98 12.60 -1.15 28.62
C SER B 98 13.48 -2.31 29.08
N LYS B 99 13.87 -3.15 28.13
CA LYS B 99 14.76 -4.27 28.39
C LYS B 99 15.70 -4.45 27.20
N THR B 100 16.85 -5.06 27.45
CA THR B 100 17.80 -5.37 26.41
C THR B 100 17.46 -6.72 25.78
N GLY B 101 17.62 -6.80 24.47
CA GLY B 101 17.25 -7.99 23.70
C GLY B 101 18.44 -8.81 23.28
N ASP B 102 18.26 -9.53 22.17
CA ASP B 102 19.28 -10.45 21.70
C ASP B 102 20.54 -9.71 21.27
N THR B 103 21.68 -10.38 21.44
CA THR B 103 22.95 -9.82 21.00
C THR B 103 22.96 -9.64 19.48
N ILE B 104 23.29 -8.43 19.04
CA ILE B 104 23.54 -8.20 17.62
C ILE B 104 25.01 -8.46 17.28
N TYR B 105 25.91 -7.93 18.09
CA TYR B 105 27.33 -8.26 17.97
C TYR B 105 27.99 -8.19 19.34
N ASN B 106 28.79 -9.19 19.66
CA ASN B 106 29.61 -9.22 20.87
C ASN B 106 31.01 -9.66 20.47
N GLY B 107 31.92 -8.69 20.34
CA GLY B 107 33.29 -9.00 19.96
C GLY B 107 34.21 -7.90 20.44
N ILE B 108 35.51 -8.11 20.21
CA ILE B 108 36.54 -7.18 20.63
C ILE B 108 37.27 -6.66 19.40
N SER B 109 37.88 -5.49 19.56
CA SER B 109 38.81 -4.93 18.58
C SER B 109 40.12 -4.65 19.31
N GLU B 110 41.20 -5.23 18.83
CA GLU B 110 42.50 -5.15 19.49
C GLU B 110 43.47 -4.35 18.62
N LEU B 111 44.18 -3.43 19.25
CA LEU B 111 45.20 -2.62 18.59
C LEU B 111 46.46 -2.67 19.43
N THR B 112 47.54 -3.19 18.87
CA THR B 112 48.85 -3.19 19.50
C THR B 112 49.81 -2.32 18.71
N ASN B 113 50.57 -1.49 19.42
CA ASN B 113 51.57 -0.63 18.79
C ASN B 113 52.88 -1.40 18.74
N TYR B 114 53.28 -1.80 17.55
CA TYR B 114 54.52 -2.53 17.33
C TYR B 114 55.67 -1.65 16.86
N THR B 115 55.49 -0.33 16.85
CA THR B 115 56.51 0.60 16.43
C THR B 115 57.26 1.15 17.64
N GLY B 116 58.45 1.68 17.37
CA GLY B 116 59.32 2.21 18.41
C GLY B 116 58.91 3.56 18.98
N THR B 117 57.83 4.15 18.49
CA THR B 117 57.38 5.45 18.96
C THR B 117 55.88 5.41 19.22
N THR B 118 55.43 6.38 20.02
CA THR B 118 53.99 6.53 20.29
C THR B 118 53.25 6.76 18.98
N GLN B 119 52.06 6.16 18.87
CA GLN B 119 51.35 6.11 17.60
C GLN B 119 49.86 6.33 17.80
N LYS B 120 49.26 7.05 16.85
CA LYS B 120 47.81 7.14 16.74
C LYS B 120 47.30 5.93 15.96
N MET B 121 46.40 5.16 16.56
CA MET B 121 45.87 3.95 15.94
C MET B 121 44.36 4.02 15.87
N LYS B 122 43.81 3.42 14.81
CA LYS B 122 42.39 3.56 14.47
C LYS B 122 41.76 2.19 14.26
N THR B 123 40.74 1.89 15.04
CA THR B 123 39.94 0.70 14.82
C THR B 123 39.09 0.86 13.56
N ASP B 124 38.72 -0.25 12.95
CA ASP B 124 37.89 -0.23 11.76
C ASP B 124 36.42 -0.10 12.14
N SER B 125 35.68 0.67 11.34
CA SER B 125 34.23 0.68 11.42
C SER B 125 33.69 -0.57 10.71
N PHE B 126 32.49 -1.00 11.14
CA PHE B 126 31.85 -2.12 10.49
C PHE B 126 30.36 -2.07 10.75
N GLN B 127 29.61 -2.73 9.87
CA GLN B 127 28.15 -2.72 9.89
C GLN B 127 27.63 -4.08 10.35
N ARG B 128 26.58 -4.05 11.17
CA ARG B 128 25.94 -5.27 11.67
C ARG B 128 24.46 -5.22 11.29
N ASP B 129 24.00 -6.23 10.58
CA ASP B 129 22.60 -6.30 10.17
C ASP B 129 21.74 -6.88 11.29
N TYR B 130 20.51 -6.38 11.39
CA TYR B 130 19.57 -6.88 12.37
C TYR B 130 18.16 -6.60 11.89
N THR B 131 17.21 -7.33 12.47
CA THR B 131 15.79 -7.16 12.16
C THR B 131 15.07 -6.65 13.41
N LYS B 132 14.38 -5.53 13.27
CA LYS B 132 13.60 -4.95 14.36
C LYS B 132 12.12 -5.28 14.14
N SER B 133 11.48 -5.80 15.18
CA SER B 133 10.10 -6.25 15.11
C SER B 133 9.19 -5.27 15.84
N GLU B 134 8.02 -5.02 15.25
CA GLU B 134 6.96 -4.25 15.87
C GLU B 134 5.68 -5.07 15.87
N SER B 135 4.97 -5.06 16.99
CA SER B 135 3.69 -5.76 17.07
C SER B 135 2.79 -5.01 18.04
N THR B 136 1.54 -4.81 17.64
CA THR B 136 0.54 -4.10 18.43
C THR B 136 -0.75 -4.90 18.48
N SER B 137 -1.54 -4.66 19.52
CA SER B 137 -2.85 -5.29 19.67
C SER B 137 -3.82 -4.26 20.25
N VAL B 138 -4.99 -4.12 19.61
CA VAL B 138 -6.03 -3.22 20.07
C VAL B 138 -6.93 -3.97 21.03
N THR B 139 -7.19 -3.37 22.20
CA THR B 139 -8.05 -4.02 23.18
C THR B 139 -9.52 -3.98 22.74
N ASN B 140 -10.00 -2.81 22.34
CA ASN B 140 -11.40 -2.64 21.95
C ASN B 140 -11.51 -2.64 20.42
N GLY B 141 -11.36 -3.84 19.86
CA GLY B 141 -11.50 -3.99 18.43
C GLY B 141 -12.94 -3.81 17.98
N LEU B 142 -13.09 -3.32 16.75
CA LEU B 142 -14.43 -3.04 16.22
C LEU B 142 -15.15 -4.31 15.77
N GLN B 143 -14.48 -5.46 15.75
CA GLN B 143 -15.09 -6.73 15.36
C GLN B 143 -15.68 -6.66 13.96
N LEU B 144 -14.93 -6.07 13.03
CA LEU B 144 -15.37 -5.96 11.65
C LEU B 144 -14.90 -7.17 10.85
N GLY B 145 -15.67 -7.50 9.81
CA GLY B 145 -15.30 -8.57 8.91
C GLY B 145 -14.21 -8.24 7.93
N PHE B 146 -13.76 -6.98 7.89
CA PHE B 146 -12.71 -6.54 7.00
C PHE B 146 -11.62 -5.85 7.82
N LYS B 147 -10.37 -6.05 7.42
CA LYS B 147 -9.25 -5.49 8.16
C LYS B 147 -9.19 -3.98 7.99
N VAL B 148 -9.14 -3.26 9.10
CA VAL B 148 -9.02 -1.81 9.11
C VAL B 148 -7.67 -1.46 9.71
N ALA B 149 -6.71 -1.10 8.86
CA ALA B 149 -5.39 -0.71 9.33
C ALA B 149 -5.40 0.75 9.76
N ALA B 150 -4.72 1.03 10.87
CA ALA B 150 -4.56 2.39 11.37
C ALA B 150 -3.10 2.63 11.71
N LYS B 151 -2.67 3.87 11.58
CA LYS B 151 -1.29 4.26 11.83
C LYS B 151 -1.22 5.14 13.07
N GLY B 152 -0.11 5.00 13.80
CA GLY B 152 0.10 5.82 14.99
C GLY B 152 1.56 5.85 15.34
N VAL B 153 2.00 6.99 15.88
CA VAL B 153 3.39 7.19 16.25
C VAL B 153 3.51 7.02 17.76
N VAL B 154 4.32 6.05 18.18
CA VAL B 154 4.56 5.77 19.59
C VAL B 154 5.91 6.37 19.96
N ALA B 155 5.90 7.36 20.86
CA ALA B 155 7.10 8.05 21.30
C ALA B 155 7.38 7.64 22.75
N LEU B 156 8.44 6.87 22.95
CA LEU B 156 8.84 6.42 24.28
C LEU B 156 9.72 7.49 24.92
N ALA B 157 9.17 8.17 25.93
CA ALA B 157 9.89 9.23 26.62
C ALA B 157 10.90 8.64 27.59
N GLY B 158 12.17 9.00 27.42
CA GLY B 158 13.27 8.43 28.18
C GLY B 158 14.27 7.69 27.31
N ALA B 159 13.83 7.18 26.17
CA ALA B 159 14.68 6.58 25.16
C ALA B 159 14.73 7.48 23.93
N ASP B 160 15.61 7.13 23.01
CA ASP B 160 15.68 7.82 21.71
C ASP B 160 15.00 7.00 20.63
N PHE B 161 13.81 6.49 20.92
CA PHE B 161 13.04 5.71 19.97
C PHE B 161 11.71 6.37 19.68
N GLU B 162 11.33 6.33 18.40
CA GLU B 162 10.05 6.82 17.92
C GLU B 162 9.76 6.15 16.59
N THR B 163 8.53 5.69 16.40
CA THR B 163 8.20 4.96 15.19
C THR B 163 6.70 5.02 14.93
N SER B 164 6.34 4.97 13.65
CA SER B 164 4.96 4.83 13.23
C SER B 164 4.66 3.34 13.10
N VAL B 165 3.77 2.83 13.93
CA VAL B 165 3.41 1.42 13.91
C VAL B 165 2.01 1.27 13.33
N THR B 166 1.73 0.06 12.83
CA THR B 166 0.44 -0.26 12.29
C THR B 166 -0.44 -0.90 13.36
N TYR B 167 -1.71 -0.48 13.39
CA TYR B 167 -2.70 -1.09 14.26
C TYR B 167 -3.79 -1.73 13.42
N ASN B 168 -4.35 -2.82 13.93
CA ASN B 168 -5.53 -3.46 13.33
C ASN B 168 -6.71 -3.17 14.25
N LEU B 169 -7.55 -2.21 13.84
CA LEU B 169 -8.73 -1.84 14.61
C LEU B 169 -9.86 -2.86 14.49
N SER B 170 -9.76 -3.81 13.55
CA SER B 170 -10.83 -4.75 13.31
C SER B 170 -10.82 -5.94 14.27
N SER B 171 -9.69 -6.20 14.92
CA SER B 171 -9.55 -7.40 15.74
C SER B 171 -8.60 -7.13 16.89
N THR B 172 -8.53 -8.10 17.81
CA THR B 172 -7.53 -8.11 18.86
C THR B 172 -6.28 -8.88 18.46
N THR B 173 -6.29 -9.54 17.31
CA THR B 173 -5.13 -10.26 16.82
C THR B 173 -3.94 -9.30 16.68
N THR B 174 -2.77 -9.75 17.12
CA THR B 174 -1.59 -8.91 17.08
C THR B 174 -1.20 -8.58 15.64
N GLU B 175 -0.74 -7.36 15.44
CA GLU B 175 -0.35 -6.85 14.12
C GLU B 175 1.16 -6.66 14.11
N THR B 176 1.87 -7.58 13.45
CA THR B 176 3.32 -7.65 13.53
C THR B 176 3.94 -7.30 12.19
N ASN B 177 4.82 -6.29 12.19
CA ASN B 177 5.62 -5.92 11.03
C ASN B 177 7.09 -6.02 11.42
N THR B 178 7.86 -6.75 10.61
CA THR B 178 9.29 -6.93 10.84
C THR B 178 10.08 -6.20 9.75
N ILE B 179 11.01 -5.35 10.18
CA ILE B 179 11.83 -4.56 9.26
C ILE B 179 13.29 -4.90 9.50
N SER B 180 14.10 -4.75 8.45
CA SER B 180 15.52 -5.00 8.53
C SER B 180 16.28 -3.67 8.57
N ASP B 181 17.30 -3.61 9.42
CA ASP B 181 18.10 -2.41 9.61
C ASP B 181 19.55 -2.82 9.79
N LYS B 182 20.43 -1.83 9.93
CA LYS B 182 21.85 -2.08 10.15
C LYS B 182 22.43 -1.00 11.04
N PHE B 183 23.34 -1.41 11.92
CA PHE B 183 23.98 -0.50 12.87
C PHE B 183 25.45 -0.35 12.50
N THR B 184 25.93 0.89 12.50
CA THR B 184 27.32 1.20 12.17
C THR B 184 28.11 1.33 13.47
N VAL B 185 28.94 0.34 13.75
CA VAL B 185 29.85 0.41 14.90
C VAL B 185 30.94 1.42 14.56
N PRO B 186 31.10 2.48 15.35
CA PRO B 186 32.03 3.54 14.98
C PRO B 186 33.48 3.13 15.19
N SER B 187 34.36 3.78 14.44
CA SER B 187 35.79 3.57 14.58
C SER B 187 36.32 4.36 15.77
N GLN B 188 37.21 3.72 16.53
CA GLN B 188 37.77 4.32 17.74
C GLN B 188 39.26 4.55 17.53
N GLU B 189 39.69 5.80 17.71
CA GLU B 189 41.10 6.16 17.66
C GLU B 189 41.69 6.12 19.06
N VAL B 190 42.82 5.44 19.21
CA VAL B 190 43.50 5.31 20.50
C VAL B 190 44.98 5.55 20.28
N THR B 191 45.57 6.43 21.09
CA THR B 191 46.99 6.70 21.06
C THR B 191 47.69 5.81 22.06
N LEU B 192 48.68 5.04 21.61
CA LEU B 192 49.31 4.02 22.43
C LEU B 192 50.83 4.19 22.44
N SER B 193 51.43 3.89 23.60
CA SER B 193 52.88 3.87 23.72
C SER B 193 53.43 2.63 23.02
N PRO B 194 54.74 2.58 22.78
CA PRO B 194 55.33 1.37 22.21
C PRO B 194 55.12 0.17 23.12
N GLY B 195 54.55 -0.90 22.56
CA GLY B 195 54.30 -2.11 23.30
C GLY B 195 52.95 -2.17 23.99
N HIS B 196 52.22 -1.06 24.07
CA HIS B 196 50.92 -1.05 24.70
C HIS B 196 49.84 -1.57 23.75
N LYS B 197 48.77 -2.09 24.33
CA LYS B 197 47.66 -2.67 23.58
C LYS B 197 46.36 -1.98 23.96
N ALA B 198 45.47 -1.85 22.99
CA ALA B 198 44.15 -1.27 23.19
C ALA B 198 43.09 -2.30 22.82
N VAL B 199 42.20 -2.59 23.76
CA VAL B 199 41.12 -3.55 23.57
C VAL B 199 39.80 -2.82 23.73
N VAL B 200 39.02 -2.78 22.65
CA VAL B 200 37.69 -2.17 22.66
C VAL B 200 36.68 -3.31 22.57
N LYS B 201 35.90 -3.47 23.63
CA LYS B 201 34.86 -4.49 23.67
C LYS B 201 33.54 -3.89 23.16
N HIS B 202 32.91 -4.58 22.22
CA HIS B 202 31.65 -4.15 21.63
C HIS B 202 30.52 -5.03 22.17
N ASP B 203 29.51 -4.40 22.77
CA ASP B 203 28.30 -5.08 23.22
C ASP B 203 27.12 -4.37 22.57
N LEU B 204 26.73 -4.86 21.39
CA LEU B 204 25.61 -4.31 20.64
C LEU B 204 24.42 -5.26 20.77
N ARG B 205 23.30 -4.74 21.24
CA ARG B 205 22.12 -5.57 21.49
C ARG B 205 20.86 -4.86 21.01
N LYS B 206 19.86 -5.66 20.64
CA LYS B 206 18.55 -5.10 20.36
C LYS B 206 17.94 -4.54 21.64
N MET B 207 17.10 -3.52 21.48
CA MET B 207 16.35 -2.95 22.58
C MET B 207 14.90 -3.41 22.50
N VAL B 208 14.35 -3.80 23.65
CA VAL B 208 12.97 -4.26 23.73
C VAL B 208 12.17 -3.24 24.53
N TYR B 209 11.11 -2.72 23.91
CA TYR B 209 10.19 -1.79 24.56
C TYR B 209 8.78 -2.35 24.42
N PHE B 210 8.11 -2.57 25.55
CA PHE B 210 6.72 -3.01 25.55
C PHE B 210 5.96 -2.23 26.61
N GLY B 211 4.67 -2.05 26.36
CA GLY B 211 3.84 -1.32 27.31
C GLY B 211 2.42 -1.17 26.83
N THR B 212 1.71 -0.24 27.46
CA THR B 212 0.30 -0.01 27.20
C THR B 212 0.09 1.43 26.75
N GLN B 213 -1.07 1.67 26.14
CA GLN B 213 -1.37 2.97 25.55
C GLN B 213 -2.87 3.10 25.33
N ASP B 214 -3.28 4.31 24.96
CA ASP B 214 -4.58 4.56 24.39
C ASP B 214 -4.42 4.95 22.92
N LEU B 215 -5.39 4.53 22.11
CA LEU B 215 -5.38 4.84 20.68
C LEU B 215 -6.71 5.48 20.32
N LYS B 216 -6.70 6.78 20.05
CA LYS B 216 -7.89 7.54 19.71
C LYS B 216 -7.75 8.08 18.29
N GLY B 217 -8.85 8.07 17.56
CA GLY B 217 -8.81 8.55 16.18
C GLY B 217 -10.19 8.59 15.57
N ASP B 218 -10.24 9.22 14.39
CA ASP B 218 -11.46 9.36 13.62
C ASP B 218 -11.45 8.38 12.46
N LEU B 219 -12.48 7.54 12.38
CA LEU B 219 -12.64 6.60 11.28
C LEU B 219 -13.77 7.08 10.38
N LYS B 220 -13.61 6.89 9.07
CA LYS B 220 -14.61 7.29 8.10
C LYS B 220 -15.49 6.08 7.78
N VAL B 221 -16.79 6.22 8.01
CA VAL B 221 -17.76 5.16 7.79
C VAL B 221 -18.50 5.45 6.49
N SER B 222 -18.60 4.44 5.62
CA SER B 222 -19.18 4.61 4.30
C SER B 222 -20.13 3.47 4.01
N PHE B 223 -21.38 3.81 3.67
CA PHE B 223 -22.34 2.86 3.14
C PHE B 223 -22.40 3.12 1.63
N ASN B 224 -21.73 2.27 0.85
CA ASN B 224 -21.54 2.52 -0.57
C ASN B 224 -22.28 1.55 -1.47
N ASP B 225 -22.34 0.26 -1.14
CA ASP B 225 -22.99 -0.72 -1.99
C ASP B 225 -24.48 -0.85 -1.71
N LYS B 226 -25.11 0.19 -1.18
CA LYS B 226 -26.55 0.17 -1.01
C LYS B 226 -27.25 0.10 -2.36
N GLU B 227 -26.67 0.72 -3.39
CA GLU B 227 -27.33 0.89 -4.67
C GLU B 227 -27.87 -0.38 -5.30
N ILE B 228 -27.03 -1.42 -5.39
CA ILE B 228 -27.46 -2.65 -6.04
C ILE B 228 -28.32 -3.43 -5.05
N VAL B 229 -28.03 -3.34 -3.75
CA VAL B 229 -28.91 -3.99 -2.79
C VAL B 229 -30.18 -3.17 -2.59
N GLN B 230 -30.14 -1.86 -2.81
CA GLN B 230 -31.36 -1.06 -2.92
C GLN B 230 -32.00 -1.19 -4.29
N LYS B 231 -31.86 -2.35 -4.90
CA LYS B 231 -32.74 -2.72 -5.99
C LYS B 231 -34.07 -3.25 -5.44
N PHE B 232 -34.24 -3.23 -4.11
CA PHE B 232 -35.55 -3.47 -3.54
C PHE B 232 -36.54 -2.43 -4.03
N ILE B 233 -36.27 -1.16 -3.75
CA ILE B 233 -37.03 -0.05 -4.33
C ILE B 233 -36.11 0.64 -5.32
N TYR B 234 -36.37 0.42 -6.62
CA TYR B 234 -35.55 1.04 -7.66
C TYR B 234 -35.82 2.54 -7.78
N PRO B 235 -37.10 3.03 -7.84
CA PRO B 235 -37.37 4.43 -8.22
C PRO B 235 -36.41 5.48 -7.68
N ASN B 236 -36.55 5.88 -6.42
CA ASN B 236 -35.81 7.01 -5.87
C ASN B 236 -34.72 6.48 -4.93
N TYR B 237 -33.48 6.50 -5.41
CA TYR B 237 -32.34 6.11 -4.60
C TYR B 237 -31.68 7.34 -4.00
N ARG B 238 -31.24 7.22 -2.74
CA ARG B 238 -30.51 8.30 -2.08
C ARG B 238 -29.50 7.68 -1.13
N SER B 239 -28.25 8.16 -1.21
CA SER B 239 -27.20 7.67 -0.33
C SER B 239 -27.43 8.19 1.09
N ILE B 240 -27.52 7.27 2.04
CA ILE B 240 -27.73 7.62 3.44
C ILE B 240 -26.39 7.62 4.15
N ASP B 241 -26.33 8.37 5.25
CA ASP B 241 -25.14 8.41 6.09
C ASP B 241 -25.50 8.16 7.55
N LEU B 242 -24.54 8.34 8.45
CA LEU B 242 -24.82 8.13 9.87
C LEU B 242 -25.85 9.13 10.40
N SER B 243 -25.93 10.31 9.79
CA SER B 243 -26.91 11.30 10.21
C SER B 243 -28.34 10.79 10.02
N ASP B 244 -28.56 9.96 9.00
CA ASP B 244 -29.90 9.43 8.76
C ASP B 244 -30.27 8.34 9.76
N ILE B 245 -29.28 7.60 10.26
CA ILE B 245 -29.54 6.63 11.32
C ILE B 245 -29.97 7.33 12.59
N ARG B 246 -29.21 8.35 13.01
CA ARG B 246 -29.56 9.13 14.19
C ARG B 246 -30.97 9.68 14.08
N LYS B 247 -31.31 10.24 12.92
CA LYS B 247 -32.66 10.76 12.70
C LYS B 247 -33.70 9.66 12.79
N THR B 248 -33.45 8.53 12.12
CA THR B 248 -34.42 7.44 12.11
C THR B 248 -34.73 6.94 13.51
N MET B 249 -33.69 6.77 14.34
CA MET B 249 -33.90 6.25 15.69
C MET B 249 -34.67 7.23 16.57
N ILE B 250 -34.50 8.53 16.33
CA ILE B 250 -35.30 9.53 17.05
C ILE B 250 -36.78 9.34 16.71
N GLU B 251 -37.08 9.23 15.41
CA GLU B 251 -38.47 9.14 14.98
C GLU B 251 -39.10 7.81 15.34
N ILE B 252 -38.30 6.74 15.45
CA ILE B 252 -38.80 5.47 15.97
C ILE B 252 -39.23 5.66 17.42
N ASP B 253 -38.39 6.31 18.22
CA ASP B 253 -38.70 6.51 19.63
C ASP B 253 -39.85 7.50 19.81
N LYS B 254 -39.88 8.55 19.00
CA LYS B 254 -40.98 9.51 19.08
C LYS B 254 -42.32 8.83 18.82
N TRP B 255 -42.35 7.93 17.83
CA TRP B 255 -43.59 7.24 17.49
C TRP B 255 -44.03 6.32 18.63
N ASN B 256 -43.08 5.71 19.33
CA ASN B 256 -43.39 4.81 20.43
C ASN B 256 -43.46 5.53 21.78
N HIS B 257 -43.23 6.83 21.80
CA HIS B 257 -43.41 7.66 23.00
C HIS B 257 -42.45 7.28 24.12
N VAL B 258 -41.19 7.05 23.76
CA VAL B 258 -40.12 6.86 24.72
C VAL B 258 -39.08 7.95 24.50
N ASN B 259 -38.16 8.08 25.46
CA ASN B 259 -37.14 9.12 25.37
C ASN B 259 -36.32 8.95 24.10
N THR B 260 -35.84 10.08 23.57
CA THR B 260 -35.15 10.09 22.30
C THR B 260 -33.72 9.59 22.47
N ILE B 261 -33.39 8.49 21.81
CA ILE B 261 -32.03 7.95 21.85
C ILE B 261 -31.17 8.72 20.85
N ASP B 262 -29.88 8.78 21.14
CA ASP B 262 -28.90 9.43 20.28
C ASP B 262 -27.99 8.35 19.71
N PHE B 263 -28.18 8.02 18.43
CA PHE B 263 -27.32 7.04 17.79
C PHE B 263 -25.85 7.45 17.85
N TYR B 264 -25.57 8.75 17.81
CA TYR B 264 -24.19 9.23 17.88
C TYR B 264 -23.54 8.90 19.21
N GLN B 265 -24.33 8.62 20.25
CA GLN B 265 -23.85 8.18 21.55
C GLN B 265 -24.28 6.74 21.85
N LEU B 266 -24.34 5.91 20.81
CA LEU B 266 -24.79 4.53 20.94
C LEU B 266 -23.86 3.61 20.16
N VAL B 267 -22.56 3.87 20.21
CA VAL B 267 -21.60 3.07 19.44
C VAL B 267 -20.50 2.53 20.36
N GLY B 268 -20.89 2.00 21.52
CA GLY B 268 -19.96 1.33 22.40
C GLY B 268 -19.32 2.26 23.41
N VAL B 269 -18.59 1.64 24.34
CA VAL B 269 -17.91 2.38 25.41
C VAL B 269 -16.78 3.21 24.81
N LYS B 270 -16.62 4.43 25.33
CA LYS B 270 -15.56 5.37 24.97
C LYS B 270 -15.68 5.91 23.56
N ASN B 271 -16.67 5.49 22.79
CA ASN B 271 -16.80 5.89 21.39
C ASN B 271 -18.00 6.81 21.20
N HIS B 272 -17.93 7.59 20.13
CA HIS B 272 -19.02 8.48 19.75
C HIS B 272 -18.86 8.85 18.28
N ILE B 273 -19.98 9.25 17.68
CA ILE B 273 -20.01 9.64 16.27
C ILE B 273 -19.96 11.17 16.19
N LYS B 274 -19.15 11.68 15.27
CA LYS B 274 -18.94 13.12 15.12
C LYS B 274 -19.84 13.76 14.06
N ASN B 275 -19.95 13.16 12.88
CA ASN B 275 -20.83 13.69 11.85
C ASN B 275 -21.34 12.51 11.02
N GLY B 276 -21.83 12.81 9.82
CA GLY B 276 -22.49 11.80 9.00
C GLY B 276 -21.63 10.62 8.58
N ASP B 277 -20.31 10.73 8.72
CA ASP B 277 -19.44 9.62 8.32
C ASP B 277 -18.21 9.49 9.19
N THR B 278 -18.12 10.21 10.30
CA THR B 278 -16.94 10.18 11.15
C THR B 278 -17.27 9.53 12.48
N LEU B 279 -16.64 8.39 12.76
CA LEU B 279 -16.80 7.67 14.01
C LEU B 279 -15.51 7.81 14.82
N TYR B 280 -15.64 8.30 16.05
CA TYR B 280 -14.50 8.49 16.95
C TYR B 280 -14.40 7.32 17.91
N ILE B 281 -13.24 6.69 17.95
CA ILE B 281 -13.01 5.54 18.83
C ILE B 281 -11.90 5.87 19.81
N ASP B 282 -11.97 5.22 20.97
CA ASP B 282 -10.97 5.39 22.03
C ASP B 282 -10.73 4.01 22.62
N THR B 283 -9.66 3.35 22.16
CA THR B 283 -9.38 1.99 22.59
C THR B 283 -8.03 1.89 23.28
N PRO B 284 -7.93 1.05 24.30
CA PRO B 284 -6.60 0.71 24.83
C PRO B 284 -5.86 -0.19 23.87
N ALA B 285 -4.54 -0.19 24.00
CA ALA B 285 -3.71 -1.00 23.11
C ALA B 285 -2.38 -1.28 23.78
N GLU B 286 -1.77 -2.38 23.38
CA GLU B 286 -0.43 -2.74 23.80
C GLU B 286 0.51 -2.74 22.60
N PHE B 287 1.80 -2.59 22.87
CA PHE B 287 2.80 -2.54 21.82
C PHE B 287 4.06 -3.25 22.28
N THR B 288 4.88 -3.64 21.31
CA THR B 288 6.17 -4.26 21.59
C THR B 288 7.10 -4.04 20.42
N PHE B 289 8.28 -3.50 20.70
CA PHE B 289 9.31 -3.29 19.69
C PHE B 289 10.54 -4.09 20.10
N ASN B 290 10.85 -5.14 19.34
CA ASN B 290 12.02 -5.99 19.57
C ASN B 290 13.05 -5.61 18.52
N GLY B 291 13.97 -4.73 18.91
CA GLY B 291 14.93 -4.17 17.98
C GLY B 291 15.15 -2.70 18.25
N ALA B 292 14.23 -1.86 17.77
CA ALA B 292 14.23 -0.43 18.06
C ALA B 292 15.59 0.21 17.80
N ASN B 293 16.00 1.10 18.71
CA ASN B 293 17.33 1.66 18.69
C ASN B 293 18.24 0.71 19.46
N PRO B 294 19.13 0.00 18.76
CA PRO B 294 19.99 -0.97 19.44
C PRO B 294 20.84 -0.32 20.52
N TYR B 295 21.06 -1.06 21.59
CA TYR B 295 21.88 -0.60 22.70
C TYR B 295 23.31 -1.05 22.47
N TYR B 296 24.24 -0.09 22.43
CA TYR B 296 25.63 -0.34 22.10
C TYR B 296 26.50 0.10 23.26
N ARG B 297 27.23 -0.83 23.84
CA ARG B 297 28.20 -0.55 24.89
C ARG B 297 29.60 -0.82 24.37
N ALA B 298 30.49 0.15 24.54
CA ALA B 298 31.87 0.05 24.07
C ALA B 298 32.81 0.52 25.18
N THR B 299 33.55 -0.40 25.76
CA THR B 299 34.54 -0.10 26.79
C THR B 299 35.94 -0.35 26.24
N PHE B 300 36.84 0.58 26.53
CA PHE B 300 38.22 0.52 26.07
C PHE B 300 39.15 0.41 27.27
N THR B 301 40.03 -0.59 27.25
CA THR B 301 41.04 -0.76 28.29
C THR B 301 42.42 -0.82 27.63
N GLU B 302 43.34 -0.01 28.14
CA GLU B 302 44.71 0.00 27.66
C GLU B 302 45.57 -0.92 28.53
N TYR B 303 46.40 -1.73 27.88
CA TYR B 303 47.28 -2.66 28.58
C TYR B 303 48.73 -2.33 28.24
N ASP B 304 49.61 -2.52 29.22
CA ASP B 304 51.02 -2.20 29.03
C ASP B 304 51.76 -3.43 28.50
N GLU B 305 53.10 -3.35 28.46
CA GLU B 305 53.91 -4.44 27.93
C GLU B 305 53.80 -5.71 28.77
N ASN B 306 53.46 -5.59 30.04
CA ASN B 306 53.32 -6.75 30.92
C ASN B 306 51.89 -7.29 30.96
N GLY B 307 51.01 -6.80 30.09
CA GLY B 307 49.65 -7.29 30.07
C GLY B 307 48.77 -6.80 31.18
N ASN B 308 49.17 -5.73 31.87
CA ASN B 308 48.39 -5.18 32.97
C ASN B 308 47.53 -4.01 32.49
N PRO B 309 46.30 -3.89 32.98
CA PRO B 309 45.44 -2.77 32.55
C PRO B 309 45.90 -1.46 33.15
N VAL B 310 46.04 -0.44 32.31
CA VAL B 310 46.50 0.87 32.74
C VAL B 310 45.35 1.86 32.92
N GLN B 311 44.36 1.83 32.03
CA GLN B 311 43.25 2.74 32.11
C GLN B 311 42.04 2.14 31.39
N THR B 312 40.85 2.52 31.84
CA THR B 312 39.61 2.06 31.25
C THR B 312 38.68 3.24 31.05
N LYS B 313 38.19 3.41 29.82
CA LYS B 313 37.31 4.53 29.47
C LYS B 313 36.12 4.00 28.70
N ILE B 314 34.92 4.42 29.09
CA ILE B 314 33.70 4.00 28.41
C ILE B 314 33.49 4.90 27.19
N LEU B 315 33.43 4.27 26.01
CA LEU B 315 33.26 4.98 24.75
C LEU B 315 31.79 5.09 24.33
N SER B 316 30.93 4.19 24.80
CA SER B 316 29.51 4.23 24.49
C SER B 316 28.76 3.58 25.64
N GLY B 317 27.88 4.35 26.29
CA GLY B 317 27.13 3.84 27.43
C GLY B 317 25.83 4.57 27.65
C1 GOL C . 12.69 2.73 -15.54
O1 GOL C . 13.17 3.79 -16.33
C2 GOL C . 13.87 2.02 -14.86
O2 GOL C . 14.71 1.50 -15.84
C3 GOL C . 14.62 3.03 -14.01
O3 GOL C . 15.40 3.86 -14.83
C1 GOL D . 0.67 -6.57 21.30
O1 GOL D . -0.03 -7.21 22.32
C2 GOL D . 2.16 -6.80 21.49
O2 GOL D . 2.61 -6.05 22.58
C3 GOL D . 2.42 -8.28 21.74
O3 GOL D . 3.80 -8.53 21.75
C1 GOL E . 49.20 6.26 25.81
O1 GOL E . 50.36 5.52 26.12
C2 GOL E . 49.09 7.45 26.76
O2 GOL E . 48.09 7.19 27.71
C3 GOL E . 48.71 8.69 25.96
O3 GOL E . 49.69 8.91 24.97
#